data_4ASA
#
_entry.id   4ASA
#
_cell.length_a   74.480
_cell.length_b   74.480
_cell.length_c   111.400
_cell.angle_alpha   90.00
_cell.angle_beta   90.00
_cell.angle_gamma   90.00
#
_symmetry.space_group_name_H-M   'P 43 2 2'
#
loop_
_entity.id
_entity.type
_entity.pdbx_description
1 polymer 'ATP-DEPENDENT MOLECULAR CHAPERONE HSP82'
2 non-polymer '[(3R,5S,6R,7R,12E)-5,11-dimethoxy-3,7,9,15,19-pentamethyl-6-oxidanyl-16,20,22-tris(oxidanylidene)-21-(prop-2-enylamino)-17-azabicyclo[16.3.1]docosa-1(21),8,12,14,18-pentaen-10-yl] carbamate'
3 non-polymer 'CHLORIDE ION'
4 water water
#
_entity_poly.entity_id   1
_entity_poly.type   'polypeptide(L)'
_entity_poly.pdbx_seq_one_letter_code
;MASETFEFQAEITQLMSLIINTVYSNKEIFLRELISNASDALDKIRYKSLSDPKQLETEPDLFIRITPKPEQKVLEIRDS
GIGMTKAELINNLGTIAKSGTKAFMEALSAGADVSMIGQFGVGFYSLFLVADRVQVISKSNDDEQYIWESNAGGSFTVTL
DEVNERIGRGTILRLFLKDDQLEYLEEKRIKEVIKRHSEFVAYPIQLVVTKEVEKEVPIP
;
_entity_poly.pdbx_strand_id   A
#
# COMPACT_ATOMS: atom_id res chain seq x y z
N ALA A 2 11.26 5.10 -19.89
CA ALA A 2 12.44 5.52 -19.09
C ALA A 2 11.99 5.66 -17.62
N SER A 3 12.81 5.13 -16.74
CA SER A 3 12.57 5.22 -15.32
C SER A 3 13.40 6.33 -14.74
N GLU A 4 12.76 7.35 -14.20
CA GLU A 4 13.46 8.27 -13.31
C GLU A 4 13.74 7.61 -11.95
N THR A 5 14.92 7.85 -11.39
CA THR A 5 15.27 7.35 -10.07
C THR A 5 15.33 8.49 -9.05
N PHE A 6 14.93 8.23 -7.80
CA PHE A 6 14.92 9.25 -6.73
C PHE A 6 15.52 8.67 -5.46
N GLU A 7 16.07 9.54 -4.64
CA GLU A 7 16.73 9.10 -3.44
C GLU A 7 15.72 9.19 -2.32
N PHE A 8 15.67 8.20 -1.42
CA PHE A 8 14.82 8.31 -0.24
C PHE A 8 15.45 9.37 0.71
N GLN A 9 14.65 10.16 1.40
CA GLN A 9 15.15 10.93 2.53
C GLN A 9 15.79 9.97 3.58
N ALA A 10 16.88 10.40 4.25
CA ALA A 10 17.79 9.43 4.94
C ALA A 10 17.09 8.68 6.07
N GLU A 11 16.15 9.32 6.77
CA GLU A 11 15.47 8.64 7.90
C GLU A 11 14.45 7.60 7.44
N ILE A 12 13.89 7.78 6.23
CA ILE A 12 12.99 6.82 5.64
C ILE A 12 13.72 5.53 5.27
N THR A 13 14.86 5.69 4.62
CA THR A 13 15.79 4.57 4.42
C THR A 13 16.08 3.87 5.72
N GLN A 14 16.42 4.64 6.73
CA GLN A 14 16.74 4.04 8.04
C GLN A 14 15.49 3.32 8.61
N LEU A 15 14.31 3.96 8.51
CA LEU A 15 13.06 3.27 8.88
C LEU A 15 12.85 2.00 8.09
N MET A 16 13.04 2.00 6.77
CA MET A 16 12.74 0.71 6.10
C MET A 16 13.72 -0.36 6.53
N SER A 17 14.93 0.06 6.77
CA SER A 17 15.92 -0.90 7.18
C SER A 17 15.58 -1.55 8.55
N LEU A 18 15.10 -0.77 9.54
CA LEU A 18 14.59 -1.37 10.78
C LEU A 18 13.52 -2.44 10.54
N ILE A 19 12.52 -2.09 9.72
CA ILE A 19 11.31 -2.89 9.54
C ILE A 19 11.64 -4.16 8.74
N ILE A 20 12.46 -4.02 7.71
CA ILE A 20 12.90 -5.16 6.88
C ILE A 20 13.60 -6.28 7.69
N ASN A 21 14.38 -5.89 8.69
CA ASN A 21 15.25 -6.70 9.52
C ASN A 21 14.70 -6.70 10.91
N THR A 22 13.48 -7.24 11.00
CA THR A 22 12.86 -7.32 12.31
C THR A 22 12.12 -8.63 12.57
N VAL A 23 12.59 -9.31 13.63
CA VAL A 23 12.04 -10.52 14.24
C VAL A 23 10.55 -10.41 14.68
N TYR A 24 9.98 -9.20 14.63
CA TYR A 24 8.65 -8.99 15.23
C TYR A 24 7.58 -10.06 14.88
N SER A 25 6.75 -10.42 15.83
CA SER A 25 5.88 -11.59 15.59
C SER A 25 4.41 -11.29 15.29
N ASN A 26 4.09 -10.02 14.96
CA ASN A 26 2.68 -9.66 14.63
C ASN A 26 2.62 -8.88 13.27
N LYS A 27 3.19 -9.49 12.23
CA LYS A 27 3.40 -8.82 10.96
C LYS A 27 2.07 -8.62 10.17
N GLU A 28 0.99 -9.29 10.62
CA GLU A 28 -0.23 -9.26 9.87
C GLU A 28 -0.81 -7.82 9.85
N ILE A 29 -0.29 -6.94 10.70
CA ILE A 29 -0.86 -5.63 10.87
C ILE A 29 -0.57 -4.90 9.59
N PHE A 30 0.34 -5.41 8.75
CA PHE A 30 0.62 -4.72 7.47
C PHE A 30 -0.70 -4.57 6.66
N LEU A 31 -1.56 -5.56 6.77
CA LEU A 31 -2.80 -5.60 5.98
C LEU A 31 -3.81 -4.64 6.60
N ARG A 32 -3.81 -4.52 7.92
CA ARG A 32 -4.68 -3.50 8.55
C ARG A 32 -4.29 -2.10 8.02
N GLU A 33 -2.98 -1.86 7.90
CA GLU A 33 -2.49 -0.55 7.48
C GLU A 33 -2.86 -0.30 6.02
N LEU A 34 -2.69 -1.29 5.15
CA LEU A 34 -3.00 -1.08 3.72
C LEU A 34 -4.49 -0.89 3.47
N ILE A 35 -5.33 -1.63 4.19
CA ILE A 35 -6.76 -1.48 4.09
C ILE A 35 -7.20 -0.10 4.57
N SER A 36 -6.61 0.34 5.67
CA SER A 36 -6.93 1.61 6.24
C SER A 36 -6.48 2.77 5.32
N ASN A 37 -5.32 2.63 4.64
CA ASN A 37 -4.88 3.63 3.68
C ASN A 37 -5.82 3.67 2.48
N ALA A 38 -6.30 2.47 2.09
CA ALA A 38 -7.18 2.35 0.95
C ALA A 38 -8.44 3.13 1.32
N SER A 39 -9.00 2.84 2.49
CA SER A 39 -10.19 3.55 2.98
C SER A 39 -9.99 5.10 3.04
N ASP A 40 -8.81 5.58 3.45
CA ASP A 40 -8.49 7.01 3.46
CA ASP A 40 -8.46 7.03 3.45
C ASP A 40 -8.62 7.61 2.06
N ALA A 41 -8.12 6.89 1.06
CA ALA A 41 -8.13 7.33 -0.33
C ALA A 41 -9.53 7.32 -0.91
N LEU A 42 -10.31 6.31 -0.51
CA LEU A 42 -11.72 6.28 -0.87
C LEU A 42 -12.51 7.48 -0.23
N ASP A 43 -12.26 7.77 1.05
CA ASP A 43 -12.85 8.95 1.70
C ASP A 43 -12.56 10.20 0.90
N LYS A 44 -11.33 10.36 0.46
CA LYS A 44 -10.94 11.59 -0.22
C LYS A 44 -11.62 11.76 -1.57
N ILE A 45 -11.76 10.68 -2.36
CA ILE A 45 -12.43 10.85 -3.65
C ILE A 45 -13.93 11.11 -3.44
N ARG A 46 -14.54 10.46 -2.47
CA ARG A 46 -15.93 10.64 -2.21
C ARG A 46 -16.17 12.09 -1.75
N TYR A 47 -15.31 12.60 -0.86
CA TYR A 47 -15.40 13.94 -0.33
C TYR A 47 -15.24 14.99 -1.42
N LYS A 48 -14.16 14.86 -2.21
CA LYS A 48 -13.95 15.70 -3.36
C LYS A 48 -15.18 15.77 -4.26
N SER A 49 -15.90 14.67 -4.41
CA SER A 49 -16.96 14.61 -5.41
C SER A 49 -18.25 15.25 -4.90
N LEU A 50 -18.29 15.61 -3.60
CA LEU A 50 -19.43 16.33 -3.03
C LEU A 50 -19.70 17.63 -3.82
N SER A 51 -18.65 18.28 -4.29
CA SER A 51 -18.68 19.55 -5.01
C SER A 51 -18.11 19.43 -6.41
N ASP A 52 -17.89 18.20 -6.86
CA ASP A 52 -17.38 17.91 -8.18
C ASP A 52 -17.79 16.45 -8.51
N PRO A 53 -19.11 16.17 -8.75
CA PRO A 53 -19.52 14.76 -8.99
C PRO A 53 -18.84 14.08 -10.19
N LYS A 54 -18.29 14.89 -11.10
CA LYS A 54 -17.66 14.38 -12.32
C LYS A 54 -16.50 13.43 -11.92
N GLN A 55 -15.91 13.70 -10.76
CA GLN A 55 -14.69 13.05 -10.40
C GLN A 55 -14.87 11.56 -10.21
N LEU A 56 -16.10 11.15 -9.89
CA LEU A 56 -16.49 9.76 -9.69
C LEU A 56 -16.61 8.94 -10.96
N GLU A 57 -16.70 9.58 -12.14
CA GLU A 57 -17.11 8.87 -13.38
C GLU A 57 -15.99 8.08 -14.05
N THR A 58 -14.72 8.42 -13.78
CA THR A 58 -13.62 7.56 -14.21
C THR A 58 -13.75 6.12 -13.58
N GLU A 59 -14.48 5.99 -12.49
CA GLU A 59 -14.60 4.73 -11.79
C GLU A 59 -15.71 4.83 -10.78
N PRO A 60 -16.95 4.52 -11.21
CA PRO A 60 -18.09 4.83 -10.36
C PRO A 60 -18.11 4.03 -9.08
N ASP A 61 -17.48 2.85 -9.08
CA ASP A 61 -17.65 1.92 -7.96
C ASP A 61 -16.58 2.11 -6.92
N LEU A 62 -16.98 2.12 -5.65
CA LEU A 62 -16.05 2.39 -4.56
C LEU A 62 -15.79 1.10 -3.78
N PHE A 63 -14.55 0.61 -3.83
CA PHE A 63 -14.26 -0.72 -3.35
C PHE A 63 -12.78 -0.85 -2.99
N ILE A 64 -12.52 -1.85 -2.14
CA ILE A 64 -11.20 -2.38 -1.87
C ILE A 64 -11.16 -3.87 -2.35
N ARG A 65 -10.12 -4.24 -3.10
CA ARG A 65 -10.06 -5.59 -3.71
C ARG A 65 -8.69 -6.23 -3.48
N ILE A 66 -8.68 -7.40 -2.85
CA ILE A 66 -7.40 -8.07 -2.59
C ILE A 66 -7.28 -9.30 -3.50
N THR A 67 -6.14 -9.45 -4.21
CA THR A 67 -5.92 -10.51 -5.20
C THR A 67 -4.59 -11.21 -4.91
N PRO A 68 -4.68 -12.36 -4.25
CA PRO A 68 -3.42 -13.13 -4.16
C PRO A 68 -3.06 -13.66 -5.51
N LYS A 69 -1.77 -13.61 -5.86
CA LYS A 69 -1.26 -14.22 -7.11
C LYS A 69 -0.22 -15.30 -6.79
N PRO A 70 -0.67 -16.48 -6.33
CA PRO A 70 0.32 -17.42 -5.70
C PRO A 70 1.55 -17.80 -6.55
N GLU A 71 1.34 -18.05 -7.85
CA GLU A 71 2.36 -18.42 -8.84
C GLU A 71 3.45 -17.37 -9.02
N GLN A 72 3.13 -16.10 -8.78
CA GLN A 72 4.15 -15.03 -8.81
C GLN A 72 4.66 -14.67 -7.39
N LYS A 73 4.06 -15.27 -6.37
CA LYS A 73 4.31 -14.92 -4.93
C LYS A 73 4.00 -13.45 -4.61
N VAL A 74 2.87 -12.98 -5.15
CA VAL A 74 2.50 -11.55 -5.12
C VAL A 74 1.15 -11.42 -4.43
N LEU A 75 0.96 -10.36 -3.65
CA LEU A 75 -0.35 -10.02 -3.13
C LEU A 75 -0.68 -8.62 -3.58
N GLU A 76 -1.83 -8.45 -4.25
CA GLU A 76 -2.20 -7.09 -4.68
C GLU A 76 -3.34 -6.57 -3.86
N ILE A 77 -3.25 -5.30 -3.45
CA ILE A 77 -4.37 -4.63 -2.73
C ILE A 77 -4.74 -3.47 -3.62
N ARG A 78 -5.95 -3.50 -4.15
CA ARG A 78 -6.42 -2.47 -5.00
C ARG A 78 -7.54 -1.64 -4.33
N ASP A 79 -7.55 -0.33 -4.60
CA ASP A 79 -8.66 0.53 -4.25
C ASP A 79 -9.00 1.43 -5.44
N SER A 80 -10.26 1.84 -5.49
CA SER A 80 -10.66 2.89 -6.45
C SER A 80 -10.71 4.29 -5.75
N GLY A 81 -9.68 4.62 -4.97
CA GLY A 81 -9.70 5.88 -4.24
C GLY A 81 -9.17 6.97 -5.17
N ILE A 82 -8.65 8.04 -4.58
CA ILE A 82 -8.25 9.22 -5.32
C ILE A 82 -7.05 9.00 -6.25
N GLY A 83 -6.13 8.10 -5.89
CA GLY A 83 -4.93 7.90 -6.73
C GLY A 83 -3.96 9.04 -6.41
N MET A 84 -2.78 8.96 -6.99
CA MET A 84 -1.72 9.88 -6.78
C MET A 84 -1.11 10.18 -8.13
N THR A 85 -0.76 11.44 -8.35
CA THR A 85 -0.12 11.87 -9.58
C THR A 85 1.38 11.51 -9.48
N LYS A 86 2.11 11.63 -10.58
CA LYS A 86 3.54 11.46 -10.54
C LYS A 86 4.24 12.30 -9.42
N ALA A 87 3.91 13.60 -9.36
CA ALA A 87 4.55 14.49 -8.44
C ALA A 87 4.25 14.03 -6.97
N GLU A 88 3.02 13.57 -6.74
CA GLU A 88 2.59 13.03 -5.46
C GLU A 88 3.31 11.78 -5.08
N LEU A 89 3.58 10.90 -6.03
CA LEU A 89 4.33 9.71 -5.70
C LEU A 89 5.74 10.07 -5.30
N ILE A 90 6.36 10.96 -6.07
CA ILE A 90 7.71 11.43 -5.75
C ILE A 90 7.81 12.16 -4.39
N ASN A 91 6.89 13.10 -4.12
CA ASN A 91 7.00 13.97 -2.91
C ASN A 91 6.69 13.16 -1.66
N ASN A 92 5.59 12.43 -1.75
CA ASN A 92 4.95 11.77 -0.62
C ASN A 92 5.40 10.37 -0.36
N LEU A 93 6.05 9.75 -1.35
CA LEU A 93 6.53 8.39 -1.09
C LEU A 93 8.04 8.30 -1.06
N GLY A 94 8.69 9.18 -0.32
CA GLY A 94 10.12 8.98 -0.08
C GLY A 94 11.07 10.15 -0.18
N THR A 95 10.81 11.15 -1.02
CA THR A 95 11.84 12.19 -1.16
C THR A 95 11.86 13.22 -0.01
N ILE A 96 10.69 13.51 0.59
CA ILE A 96 10.57 14.52 1.63
C ILE A 96 10.54 13.82 3.02
N ALA A 97 11.19 14.44 4.02
CA ALA A 97 11.18 13.97 5.42
C ALA A 97 9.72 13.83 5.93
N LYS A 98 9.38 12.72 6.58
CA LYS A 98 8.03 12.57 7.20
C LYS A 98 8.08 12.91 8.68
N SER A 99 7.04 13.62 9.11
CA SER A 99 6.92 14.01 10.49
C SER A 99 7.12 12.83 11.50
N GLY A 100 6.54 11.67 11.30
CA GLY A 100 6.69 10.75 12.43
C GLY A 100 7.79 9.69 12.36
N THR A 101 8.67 9.80 11.36
CA THR A 101 9.68 8.75 11.06
C THR A 101 10.66 8.57 12.24
N LYS A 102 11.34 9.63 12.66
CA LYS A 102 12.32 9.52 13.76
C LYS A 102 11.66 9.17 15.05
N ALA A 103 10.61 9.93 15.39
CA ALA A 103 9.80 9.66 16.56
C ALA A 103 9.31 8.19 16.63
N PHE A 104 8.91 7.62 15.48
CA PHE A 104 8.46 6.22 15.51
C PHE A 104 9.64 5.29 15.82
N MET A 105 10.79 5.56 15.25
CA MET A 105 11.96 4.73 15.47
C MET A 105 12.42 4.88 16.91
N GLU A 106 12.38 6.10 17.47
CA GLU A 106 12.74 6.31 18.89
C GLU A 106 11.79 5.54 19.82
N ALA A 107 10.48 5.55 19.51
CA ALA A 107 9.49 4.74 20.25
C ALA A 107 9.80 3.22 20.14
N LEU A 108 10.12 2.77 18.93
CA LEU A 108 10.42 1.37 18.68
C LEU A 108 11.57 0.90 19.55
N SER A 109 12.63 1.68 19.62
CA SER A 109 13.73 1.25 20.39
C SER A 109 13.50 1.41 21.91
N ALA A 110 12.51 2.20 22.33
CA ALA A 110 12.03 2.21 23.73
C ALA A 110 11.12 1.04 24.10
N GLY A 111 10.65 0.24 23.14
CA GLY A 111 9.76 -0.92 23.43
C GLY A 111 8.36 -0.92 22.78
N ALA A 112 8.02 0.15 22.06
CA ALA A 112 6.71 0.23 21.39
C ALA A 112 6.43 -0.93 20.48
N ASP A 113 5.19 -1.39 20.46
CA ASP A 113 4.79 -2.40 19.50
C ASP A 113 4.86 -1.80 18.05
N VAL A 114 5.32 -2.60 17.06
CA VAL A 114 5.41 -2.14 15.68
C VAL A 114 3.98 -1.74 15.21
N SER A 115 2.99 -2.24 15.91
CA SER A 115 1.60 -1.99 15.57
C SER A 115 1.24 -0.51 15.58
N MET A 116 1.98 0.26 16.38
CA MET A 116 1.69 1.68 16.57
C MET A 116 2.11 2.47 15.33
N ILE A 117 2.58 1.79 14.31
CA ILE A 117 3.16 2.51 13.19
C ILE A 117 2.17 3.48 12.48
N GLY A 118 0.91 3.12 12.40
CA GLY A 118 -0.14 3.91 11.72
C GLY A 118 -0.43 5.13 12.54
N GLN A 119 -0.38 4.99 13.85
CA GLN A 119 -0.46 6.19 14.74
C GLN A 119 0.63 7.25 14.52
N PHE A 120 1.80 6.85 13.98
CA PHE A 120 2.88 7.80 13.70
C PHE A 120 2.78 8.35 12.27
N GLY A 121 1.77 7.89 11.54
CA GLY A 121 1.51 8.34 10.20
C GLY A 121 2.51 7.78 9.20
N VAL A 122 3.22 6.71 9.55
CA VAL A 122 4.13 6.12 8.58
C VAL A 122 3.83 4.65 8.24
N GLY A 123 2.57 4.26 8.44
CA GLY A 123 2.15 2.89 8.36
C GLY A 123 2.28 2.24 6.99
N PHE A 124 2.38 3.02 5.93
CA PHE A 124 2.63 2.47 4.60
C PHE A 124 3.91 1.59 4.65
N TYR A 125 4.93 1.99 5.43
CA TYR A 125 6.21 1.24 5.37
C TYR A 125 6.13 -0.11 6.06
N SER A 126 5.05 -0.38 6.80
CA SER A 126 4.80 -1.73 7.39
C SER A 126 4.74 -2.83 6.35
N LEU A 127 4.51 -2.48 5.08
CA LEU A 127 4.43 -3.57 4.07
C LEU A 127 5.79 -4.28 3.97
N PHE A 128 6.90 -3.64 4.42
CA PHE A 128 8.20 -4.32 4.38
C PHE A 128 8.42 -5.40 5.44
N LEU A 129 7.49 -5.56 6.38
CA LEU A 129 7.49 -6.70 7.28
C LEU A 129 7.37 -8.00 6.49
N VAL A 130 6.70 -7.93 5.33
CA VAL A 130 6.14 -9.13 4.74
C VAL A 130 6.59 -9.25 3.29
N ALA A 131 7.17 -8.15 2.76
CA ALA A 131 7.52 -7.97 1.33
C ALA A 131 8.95 -7.42 1.15
N ASP A 132 9.69 -7.86 0.13
CA ASP A 132 11.04 -7.28 -0.06
C ASP A 132 11.11 -6.41 -1.30
N ARG A 133 9.96 -6.22 -1.93
CA ARG A 133 9.84 -5.40 -3.08
C ARG A 133 8.37 -5.02 -3.15
N VAL A 134 8.07 -3.75 -3.54
CA VAL A 134 6.69 -3.24 -3.75
C VAL A 134 6.67 -2.38 -5.02
N GLN A 135 5.61 -2.58 -5.82
CA GLN A 135 5.15 -1.58 -6.79
C GLN A 135 3.87 -0.93 -6.31
N VAL A 136 3.82 0.40 -6.41
CA VAL A 136 2.60 1.17 -6.14
C VAL A 136 2.19 1.69 -7.53
N ILE A 137 1.09 1.18 -8.07
CA ILE A 137 0.64 1.57 -9.41
C ILE A 137 -0.61 2.40 -9.16
N SER A 138 -0.58 3.64 -9.66
CA SER A 138 -1.59 4.61 -9.33
C SER A 138 -2.06 5.47 -10.53
N LYS A 139 -3.35 5.82 -10.49
CA LYS A 139 -4.00 6.61 -11.56
C LYS A 139 -4.87 7.65 -10.87
N SER A 140 -4.42 8.89 -10.89
CA SER A 140 -5.18 10.02 -10.39
C SER A 140 -5.98 10.60 -11.56
N ASN A 141 -7.16 11.18 -11.31
CA ASN A 141 -7.91 11.86 -12.37
C ASN A 141 -7.05 12.92 -13.08
N ASP A 142 -5.98 13.37 -12.43
CA ASP A 142 -5.22 14.50 -12.92
C ASP A 142 -3.92 14.11 -13.59
N ASP A 143 -3.73 12.84 -13.91
CA ASP A 143 -2.46 12.43 -14.48
C ASP A 143 -2.62 11.06 -15.11
N GLU A 144 -1.54 10.61 -15.72
CA GLU A 144 -1.45 9.35 -16.43
C GLU A 144 -1.15 8.29 -15.35
N GLN A 145 -1.20 7.02 -15.72
CA GLN A 145 -0.90 5.92 -14.79
C GLN A 145 0.60 5.80 -14.62
N TYR A 146 1.06 5.83 -13.37
CA TYR A 146 2.49 5.63 -13.02
C TYR A 146 2.71 4.44 -12.02
N ILE A 147 3.91 3.89 -12.09
CA ILE A 147 4.42 2.83 -11.22
C ILE A 147 5.56 3.40 -10.38
N TRP A 148 5.45 3.29 -9.07
CA TRP A 148 6.54 3.59 -8.18
C TRP A 148 7.06 2.25 -7.69
N GLU A 149 8.36 2.12 -7.59
CA GLU A 149 8.89 0.82 -7.20
C GLU A 149 10.03 1.00 -6.23
N SER A 150 10.08 0.12 -5.23
CA SER A 150 11.13 0.09 -4.28
C SER A 150 11.40 -1.30 -3.77
N ASN A 151 12.66 -1.53 -3.40
CA ASN A 151 13.14 -2.78 -2.74
C ASN A 151 13.82 -2.47 -1.40
N ALA A 152 13.47 -1.34 -0.80
CA ALA A 152 13.92 -0.94 0.55
C ALA A 152 15.37 -0.45 0.62
N GLY A 153 16.07 -0.41 -0.53
CA GLY A 153 17.41 0.25 -0.61
C GLY A 153 17.21 1.75 -0.39
N GLY A 154 18.24 2.53 -0.67
CA GLY A 154 18.14 3.99 -0.57
C GLY A 154 17.50 4.77 -1.74
N SER A 155 16.99 4.07 -2.76
CA SER A 155 16.31 4.83 -3.87
C SER A 155 15.13 4.10 -4.49
N PHE A 156 14.26 4.83 -5.19
CA PHE A 156 13.11 4.16 -5.74
C PHE A 156 13.02 4.71 -7.10
N THR A 157 12.27 4.03 -7.96
CA THR A 157 12.03 4.53 -9.30
C THR A 157 10.57 4.94 -9.49
N VAL A 158 10.29 5.84 -10.43
CA VAL A 158 8.95 6.15 -10.92
C VAL A 158 8.92 6.09 -12.45
N THR A 159 7.89 5.43 -13.02
CA THR A 159 7.91 5.05 -14.46
C THR A 159 6.52 5.17 -15.02
N LEU A 160 6.38 5.85 -16.17
CA LEU A 160 5.07 5.95 -16.83
C LEU A 160 4.61 4.48 -17.08
N ASP A 161 3.35 4.15 -16.79
CA ASP A 161 2.91 2.73 -16.84
C ASP A 161 2.40 2.32 -18.23
N GLU A 162 3.22 1.56 -18.96
CA GLU A 162 2.79 0.96 -20.24
C GLU A 162 2.62 -0.56 -20.18
N VAL A 163 2.53 -1.09 -18.96
CA VAL A 163 2.81 -2.50 -18.67
C VAL A 163 1.64 -3.17 -17.88
N ASN A 164 0.84 -2.43 -17.09
CA ASN A 164 -0.18 -3.08 -16.28
C ASN A 164 -1.51 -2.72 -16.81
N GLU A 165 -2.54 -3.46 -16.44
CA GLU A 165 -3.90 -3.11 -16.76
C GLU A 165 -4.21 -1.67 -16.33
N ARG A 166 -5.15 -1.06 -17.04
CA ARG A 166 -5.65 0.30 -16.72
C ARG A 166 -6.47 0.25 -15.49
N ILE A 167 -6.11 1.10 -14.57
CA ILE A 167 -6.96 1.44 -13.49
C ILE A 167 -7.81 2.59 -14.09
N GLY A 168 -9.10 2.60 -13.83
CA GLY A 168 -9.95 3.74 -14.21
C GLY A 168 -9.51 4.88 -13.31
N ARG A 169 -9.39 4.61 -11.98
CA ARG A 169 -8.90 5.57 -10.94
C ARG A 169 -8.51 4.74 -9.72
N GLY A 170 -7.35 5.04 -9.13
CA GLY A 170 -7.01 4.53 -7.86
C GLY A 170 -5.60 4.02 -7.79
N THR A 171 -5.40 2.99 -6.98
CA THR A 171 -4.05 2.52 -6.64
C THR A 171 -4.09 1.01 -6.49
N ILE A 172 -2.98 0.38 -6.89
CA ILE A 172 -2.73 -1.04 -6.64
C ILE A 172 -1.40 -1.11 -5.89
N LEU A 173 -1.44 -1.73 -4.71
CA LEU A 173 -0.24 -2.03 -3.96
C LEU A 173 0.10 -3.49 -4.37
N ARG A 174 1.18 -3.65 -5.11
CA ARG A 174 1.67 -4.96 -5.53
C ARG A 174 2.85 -5.36 -4.63
N LEU A 175 2.64 -6.38 -3.80
CA LEU A 175 3.67 -6.82 -2.87
C LEU A 175 4.32 -8.13 -3.32
N PHE A 176 5.64 -8.12 -3.41
CA PHE A 176 6.48 -9.32 -3.71
C PHE A 176 6.83 -9.93 -2.33
N LEU A 177 6.02 -10.89 -1.92
CA LEU A 177 6.15 -11.45 -0.60
C LEU A 177 7.51 -12.18 -0.42
N LYS A 178 8.08 -12.11 0.79
CA LYS A 178 9.23 -12.90 1.17
C LYS A 178 8.81 -14.34 1.27
N ASP A 179 9.75 -15.26 1.00
CA ASP A 179 9.46 -16.73 1.12
C ASP A 179 8.93 -17.23 2.44
N ASP A 180 9.28 -16.60 3.54
CA ASP A 180 8.68 -17.02 4.82
C ASP A 180 7.28 -16.41 5.09
N GLN A 181 6.78 -15.56 4.19
CA GLN A 181 5.52 -14.86 4.47
C GLN A 181 4.39 -15.26 3.50
N LEU A 182 4.53 -16.43 2.87
CA LEU A 182 3.58 -16.91 1.83
C LEU A 182 2.19 -17.24 2.38
N GLU A 183 2.04 -17.29 3.72
CA GLU A 183 0.73 -17.49 4.33
C GLU A 183 -0.33 -16.41 3.94
N TYR A 184 0.11 -15.21 3.57
CA TYR A 184 -0.83 -14.14 3.18
C TYR A 184 -1.32 -14.31 1.72
N LEU A 185 -0.85 -15.35 1.04
CA LEU A 185 -1.43 -15.76 -0.24
C LEU A 185 -2.72 -16.56 -0.11
N GLU A 186 -3.04 -17.01 1.11
CA GLU A 186 -4.10 -18.00 1.32
C GLU A 186 -5.35 -17.30 1.74
N GLU A 187 -6.44 -17.65 1.09
CA GLU A 187 -7.79 -17.14 1.39
C GLU A 187 -8.18 -17.18 2.86
N LYS A 188 -8.04 -18.35 3.51
CA LYS A 188 -8.45 -18.48 4.91
C LYS A 188 -7.72 -17.47 5.81
N ARG A 189 -6.38 -17.45 5.68
CA ARG A 189 -5.50 -16.51 6.39
C ARG A 189 -5.92 -15.03 6.16
N ILE A 190 -6.12 -14.64 4.89
CA ILE A 190 -6.59 -13.26 4.59
C ILE A 190 -7.89 -12.84 5.30
N LYS A 191 -8.91 -13.73 5.35
CA LYS A 191 -10.24 -13.33 5.87
C LYS A 191 -10.16 -13.15 7.37
N GLU A 192 -9.37 -14.04 7.93
CA GLU A 192 -9.04 -14.02 9.33
C GLU A 192 -8.36 -12.70 9.76
N VAL A 193 -7.36 -12.23 8.99
CA VAL A 193 -6.69 -10.94 9.35
C VAL A 193 -7.66 -9.76 9.17
N ILE A 194 -8.42 -9.75 8.09
CA ILE A 194 -9.51 -8.76 7.96
C ILE A 194 -10.56 -8.76 9.09
N LYS A 195 -11.06 -9.93 9.51
CA LYS A 195 -12.02 -10.03 10.63
C LYS A 195 -11.46 -9.38 11.88
N ARG A 196 -10.21 -9.70 12.24
CA ARG A 196 -9.60 -9.20 13.49
C ARG A 196 -9.31 -7.70 13.48
N HIS A 197 -8.79 -7.18 12.36
CA HIS A 197 -8.29 -5.78 12.39
C HIS A 197 -9.09 -4.76 11.59
N SER A 198 -9.90 -5.21 10.63
CA SER A 198 -10.63 -4.29 9.76
C SER A 198 -12.17 -4.46 9.81
N GLU A 199 -12.73 -4.64 11.01
CA GLU A 199 -14.19 -4.71 11.26
C GLU A 199 -15.01 -3.47 10.79
N PHE A 200 -14.48 -2.27 10.95
CA PHE A 200 -15.27 -1.07 10.69
C PHE A 200 -14.69 -0.36 9.45
N VAL A 201 -14.99 -0.90 8.27
CA VAL A 201 -14.59 -0.32 7.02
C VAL A 201 -15.88 0.01 6.29
N ALA A 202 -16.04 1.26 5.85
CA ALA A 202 -17.25 1.69 5.19
C ALA A 202 -17.44 1.11 3.76
N TYR A 203 -16.41 0.47 3.21
CA TYR A 203 -16.40 0.11 1.79
C TYR A 203 -16.35 -1.39 1.66
N PRO A 204 -16.95 -1.91 0.59
CA PRO A 204 -16.84 -3.35 0.38
C PRO A 204 -15.36 -3.79 0.22
N ILE A 205 -15.03 -4.86 0.90
CA ILE A 205 -13.76 -5.51 0.71
C ILE A 205 -13.91 -6.83 -0.10
N GLN A 206 -13.38 -6.83 -1.33
CA GLN A 206 -13.52 -7.99 -2.25
C GLN A 206 -12.26 -8.86 -2.22
N LEU A 207 -12.44 -10.16 -2.15
CA LEU A 207 -11.33 -11.11 -2.26
C LEU A 207 -11.48 -11.88 -3.60
N VAL A 208 -10.41 -11.86 -4.41
CA VAL A 208 -10.40 -12.51 -5.69
C VAL A 208 -9.77 -13.88 -5.53
N VAL A 209 -10.51 -14.91 -5.87
CA VAL A 209 -10.10 -16.30 -5.61
C VAL A 209 -10.15 -17.14 -6.91
N THR A 210 -9.09 -17.90 -7.14
CA THR A 210 -8.99 -18.79 -8.30
C THR A 210 -9.24 -20.25 -7.92
N LYS A 211 -10.33 -20.80 -8.40
CA LYS A 211 -10.75 -22.18 -8.13
C LYS A 211 -10.54 -22.99 -9.44
N GLU A 212 -10.15 -24.25 -9.33
CA GLU A 212 -10.14 -25.15 -10.47
C GLU A 212 -11.48 -25.85 -10.58
N VAL A 213 -12.02 -25.89 -11.80
CA VAL A 213 -13.31 -26.51 -12.09
C VAL A 213 -13.17 -28.06 -12.15
N GLU A 214 -13.92 -28.81 -11.31
CA GLU A 214 -13.63 -30.25 -11.02
C GLU A 214 -14.55 -31.20 -11.77
#